data_1DBG
#
_entry.id   1DBG
#
_cell.length_a   50.6
_cell.length_b   74.4
_cell.length_c   58.7
_cell.angle_alpha   90.0
_cell.angle_beta   92.9
_cell.angle_gamma   90.0
#
_symmetry.space_group_name_H-M   'P 1 21 1'
#
loop_
_entity.id
_entity.type
_entity.pdbx_description
1 polymer 'CHONDROITINASE B'
2 branched '4-deoxy-alpha-D-glucopyranose-(1-3)-[beta-D-glucopyranose-(1-4)]2-O-methyl-beta-L-fucopyranose-(1-4)-beta-D-xylopyranose-(1-4)-alpha-D-glucopyranuronic acid-(1-2)-[alpha-L-rhamnopyranose-(1-4)]alpha-D-mannopyranose'
3 water water
#
_entity_poly.entity_id   1
_entity_poly.type   'polypeptide(L)'
_entity_poly.pdbx_seq_one_letter_code
;MKMLNKLAGYLLPIMVLLNVAPCLGQVVASNETLYQVVKEVKPGGLVQIADGTYKDVQLIVSNSGKSGLPITIKALNPGK
VFFTGDAKVELRGEHLILEGIWFKDGNRAIQAWKSHGPGLVAIYGSYNRITACVFDCFDEANSAYITTSLTEDGKVPQHC
RIDHCSFTDKITFDQVINLNNTARAIKDGSVGGPGMYHRVDHCFFSNPQKPGNAGGGIRIGYYRNDIGRCLVDSNLFMRQ
DSEAEIITSKSQENVYYGNTYLNCQGTMNFRHGDHQVAINNFYIGNDQRFGYGGMFVWGSRHVIACNYFELSETIKSRGN
AALYLNPGAMASEHALAFDMLIANNAFINVNGYAIHFNPLDERRKEYCAANRLKFETPHQLMLKGNLFFKDKPYVYPFFK
DDYFIAGKNSWTGNVALGVEKGIPVNISANRSAYKPVKIKDIQPIEGIALDLNALISKGITGKPLSWDEVRPYWLKEMPG
TYALTARLSADRAAKFKAVIKRNKEH
;
_entity_poly.pdbx_strand_id   A
#
loop_
_chem_comp.id
_chem_comp.type
_chem_comp.name
_chem_comp.formula
BGC D-saccharide, beta linking beta-D-glucopyranose 'C6 H12 O6'
G4D D-saccharide, alpha linking 4-deoxy-alpha-D-glucopyranose 'C6 H12 O5'
GCU D-saccharide, alpha linking 'alpha-D-glucopyranuronic acid' 'C6 H10 O7'
MAN D-saccharide, alpha linking alpha-D-mannopyranose 'C6 H12 O6'
MXY L-saccharide, beta linking 2-O-methyl-beta-L-fucopyranose 'C7 H14 O5'
RAM L-saccharide, alpha linking alpha-L-rhamnopyranose 'C6 H12 O5'
XYP D-saccharide, beta linking beta-D-xylopyranose 'C5 H10 O5'
#
# COMPACT_ATOMS: atom_id res chain seq x y z
N GLN A 26 -29.04 6.65 19.13
CA GLN A 26 -29.87 5.52 19.61
C GLN A 26 -29.55 4.12 19.09
N VAL A 27 -30.23 3.14 19.66
CA VAL A 27 -30.04 1.75 19.28
C VAL A 27 -31.03 1.39 18.18
N VAL A 28 -30.51 0.92 17.06
CA VAL A 28 -31.34 0.52 15.93
C VAL A 28 -31.15 -0.96 15.68
N ALA A 29 -32.23 -1.64 15.28
CA ALA A 29 -32.15 -3.08 15.04
C ALA A 29 -32.57 -3.52 13.65
N SER A 30 -32.75 -2.57 12.73
CA SER A 30 -33.13 -2.91 11.35
C SER A 30 -32.58 -1.88 10.38
N ASN A 31 -32.53 -2.21 9.09
CA ASN A 31 -32.03 -1.27 8.12
C ASN A 31 -32.83 0.02 8.12
N GLU A 32 -34.16 -0.10 8.11
CA GLU A 32 -35.02 1.09 8.10
C GLU A 32 -34.82 2.02 9.28
N THR A 33 -34.73 1.49 10.50
CA THR A 33 -34.53 2.36 11.66
C THR A 33 -33.13 2.95 11.61
N LEU A 34 -32.19 2.20 11.03
CA LEU A 34 -30.83 2.69 10.89
C LEU A 34 -30.86 3.93 9.97
N TYR A 35 -31.50 3.79 8.82
CA TYR A 35 -31.64 4.87 7.84
C TYR A 35 -32.26 6.10 8.50
N GLN A 36 -33.34 5.89 9.23
CA GLN A 36 -34.03 6.99 9.88
C GLN A 36 -33.20 7.73 10.93
N VAL A 37 -32.58 6.99 11.86
CA VAL A 37 -31.76 7.62 12.89
C VAL A 37 -30.58 8.40 12.31
N VAL A 38 -29.95 7.85 11.27
CA VAL A 38 -28.81 8.51 10.67
C VAL A 38 -29.25 9.83 10.02
N LYS A 39 -30.50 9.88 9.59
CA LYS A 39 -31.03 11.08 8.96
C LYS A 39 -31.33 12.18 9.98
N GLU A 40 -31.46 11.80 11.26
CA GLU A 40 -31.78 12.74 12.32
C GLU A 40 -30.61 13.03 13.27
N VAL A 41 -29.60 12.17 13.27
CA VAL A 41 -28.46 12.32 14.18
C VAL A 41 -27.73 13.66 14.10
N LYS A 42 -27.40 14.20 15.28
CA LYS A 42 -26.72 15.48 15.40
C LYS A 42 -25.25 15.32 15.77
N PRO A 43 -24.45 16.39 15.64
CA PRO A 43 -23.04 16.30 15.99
C PRO A 43 -22.87 15.76 17.41
N GLY A 44 -21.93 14.83 17.58
CA GLY A 44 -21.70 14.25 18.90
C GLY A 44 -22.59 13.04 19.11
N GLY A 45 -23.49 12.80 18.15
CA GLY A 45 -24.41 11.68 18.25
C GLY A 45 -23.75 10.31 18.22
N LEU A 46 -24.47 9.33 18.76
CA LEU A 46 -24.00 7.96 18.83
C LEU A 46 -25.10 7.00 18.39
N VAL A 47 -24.89 6.32 17.26
CA VAL A 47 -25.85 5.36 16.72
C VAL A 47 -25.25 3.98 16.92
N GLN A 48 -25.94 3.14 17.69
CA GLN A 48 -25.47 1.81 17.98
C GLN A 48 -26.36 0.77 17.33
N ILE A 49 -25.74 -0.10 16.53
CA ILE A 49 -26.50 -1.12 15.82
C ILE A 49 -26.62 -2.39 16.65
N ALA A 50 -27.86 -2.79 16.93
CA ALA A 50 -28.14 -3.98 17.72
C ALA A 50 -27.58 -5.24 17.05
N ASP A 51 -27.27 -6.25 17.84
CA ASP A 51 -26.73 -7.49 17.29
C ASP A 51 -27.64 -8.00 16.18
N GLY A 52 -27.04 -8.46 15.09
CA GLY A 52 -27.86 -8.97 14.01
C GLY A 52 -27.23 -8.83 12.64
N THR A 53 -27.97 -9.28 11.63
CA THR A 53 -27.52 -9.21 10.27
C THR A 53 -28.30 -8.14 9.53
N TYR A 54 -27.58 -7.23 8.88
CA TYR A 54 -28.23 -6.16 8.13
C TYR A 54 -27.95 -6.41 6.65
N LYS A 55 -28.89 -7.14 6.05
CA LYS A 55 -28.80 -7.54 4.66
C LYS A 55 -29.29 -6.51 3.64
N ASP A 56 -28.49 -6.32 2.61
CA ASP A 56 -28.77 -5.37 1.54
C ASP A 56 -28.80 -3.95 2.07
N VAL A 57 -28.11 -3.71 3.18
CA VAL A 57 -28.08 -2.39 3.78
C VAL A 57 -27.45 -1.34 2.86
N GLN A 58 -28.11 -0.19 2.77
CA GLN A 58 -27.66 0.93 1.94
C GLN A 58 -27.50 2.13 2.86
N LEU A 59 -26.43 2.11 3.65
CA LEU A 59 -26.15 3.17 4.60
C LEU A 59 -25.55 4.41 3.94
N ILE A 60 -26.34 5.47 3.87
CA ILE A 60 -25.91 6.73 3.26
C ILE A 60 -25.92 7.79 4.36
N VAL A 61 -24.73 8.21 4.80
CA VAL A 61 -24.63 9.21 5.86
C VAL A 61 -24.31 10.58 5.26
N SER A 62 -25.32 11.46 5.23
CA SER A 62 -25.14 12.79 4.65
C SER A 62 -24.91 13.88 5.68
N ASN A 63 -25.41 13.69 6.91
CA ASN A 63 -25.20 14.71 7.93
C ASN A 63 -23.73 14.78 8.32
N SER A 64 -23.37 15.82 9.05
CA SER A 64 -22.01 16.01 9.48
C SER A 64 -21.90 16.18 10.97
N GLY A 65 -20.80 15.67 11.52
CA GLY A 65 -20.54 15.86 12.94
C GLY A 65 -19.76 17.15 12.91
N LYS A 66 -19.06 17.47 13.99
CA LYS A 66 -18.26 18.69 14.05
C LYS A 66 -16.94 18.34 14.72
N SER A 67 -15.93 19.19 14.54
CA SER A 67 -14.63 18.93 15.14
C SER A 67 -14.84 18.76 16.65
N GLY A 68 -14.44 17.61 17.18
CA GLY A 68 -14.59 17.36 18.61
C GLY A 68 -15.95 16.76 18.92
N LEU A 69 -16.84 16.78 17.93
CA LEU A 69 -18.18 16.25 18.08
C LEU A 69 -18.57 15.42 16.86
N PRO A 70 -17.81 14.36 16.57
CA PRO A 70 -18.11 13.52 15.42
C PRO A 70 -19.38 12.70 15.67
N ILE A 71 -19.94 12.15 14.61
CA ILE A 71 -21.12 11.31 14.71
C ILE A 71 -20.55 9.90 14.62
N THR A 72 -20.82 9.09 15.62
CA THR A 72 -20.32 7.71 15.66
C THR A 72 -21.40 6.67 15.37
N ILE A 73 -21.14 5.85 14.36
CA ILE A 73 -22.07 4.79 14.00
C ILE A 73 -21.27 3.52 14.24
N LYS A 74 -21.70 2.71 15.21
CA LYS A 74 -20.96 1.51 15.53
C LYS A 74 -21.87 0.37 16.00
N ALA A 75 -21.33 -0.83 15.98
CA ALA A 75 -22.09 -1.99 16.44
C ALA A 75 -22.16 -1.85 17.96
N LEU A 76 -23.29 -2.20 18.56
CA LEU A 76 -23.40 -2.12 20.01
C LEU A 76 -22.35 -3.09 20.57
N ASN A 77 -22.26 -4.24 19.92
CA ASN A 77 -21.30 -5.29 20.29
C ASN A 77 -20.49 -5.66 19.04
N PRO A 78 -19.35 -5.01 18.81
CA PRO A 78 -18.56 -5.36 17.63
C PRO A 78 -18.28 -6.87 17.57
N GLY A 79 -18.53 -7.46 16.41
CA GLY A 79 -18.35 -8.88 16.23
C GLY A 79 -19.68 -9.57 16.08
N LYS A 80 -20.76 -8.84 16.37
CA LYS A 80 -22.10 -9.39 16.27
C LYS A 80 -23.00 -8.66 15.29
N VAL A 81 -22.42 -7.72 14.56
CA VAL A 81 -23.16 -6.96 13.56
C VAL A 81 -22.54 -7.21 12.20
N PHE A 82 -23.35 -7.65 11.25
CA PHE A 82 -22.85 -7.94 9.92
C PHE A 82 -23.59 -7.20 8.83
N PHE A 83 -22.84 -6.56 7.94
CA PHE A 83 -23.47 -5.90 6.81
C PHE A 83 -23.26 -6.90 5.68
N THR A 84 -24.37 -7.35 5.10
CA THR A 84 -24.30 -8.37 4.04
C THR A 84 -25.17 -8.07 2.83
N GLY A 85 -25.14 -9.01 1.89
CA GLY A 85 -25.94 -8.89 0.68
C GLY A 85 -25.50 -7.80 -0.27
N ASP A 86 -26.49 -7.25 -0.97
CA ASP A 86 -26.26 -6.20 -1.97
C ASP A 86 -26.18 -4.91 -1.17
N ALA A 87 -25.07 -4.77 -0.43
CA ALA A 87 -24.86 -3.63 0.44
C ALA A 87 -23.98 -2.52 -0.12
N LYS A 88 -23.91 -1.43 0.63
CA LYS A 88 -23.14 -0.25 0.24
C LYS A 88 -23.16 0.79 1.35
N VAL A 89 -22.03 1.44 1.57
CA VAL A 89 -21.92 2.49 2.58
C VAL A 89 -21.28 3.73 1.95
N GLU A 90 -21.92 4.87 2.16
CA GLU A 90 -21.41 6.15 1.65
C GLU A 90 -21.32 7.14 2.80
N LEU A 91 -20.11 7.61 3.10
CA LEU A 91 -19.92 8.60 4.14
C LEU A 91 -19.75 9.92 3.38
N ARG A 92 -20.85 10.65 3.22
CA ARG A 92 -20.81 11.90 2.49
C ARG A 92 -20.59 13.17 3.32
N GLY A 93 -21.03 13.16 4.57
CA GLY A 93 -20.83 14.32 5.43
C GLY A 93 -19.41 14.31 6.00
N GLU A 94 -19.12 15.18 6.95
CA GLU A 94 -17.79 15.23 7.55
C GLU A 94 -17.87 14.86 9.03
N HIS A 95 -16.71 14.56 9.61
CA HIS A 95 -16.61 14.21 11.03
C HIS A 95 -17.50 13.03 11.40
N LEU A 96 -17.38 11.96 10.62
CA LEU A 96 -18.15 10.76 10.84
C LEU A 96 -17.21 9.62 11.23
N ILE A 97 -17.75 8.62 11.91
CA ILE A 97 -16.96 7.46 12.32
C ILE A 97 -17.79 6.18 12.16
N LEU A 98 -17.25 5.21 11.45
CA LEU A 98 -17.91 3.92 11.26
C LEU A 98 -17.00 2.94 12.00
N GLU A 99 -17.54 2.25 12.99
CA GLU A 99 -16.74 1.34 13.81
C GLU A 99 -17.35 -0.02 14.13
N GLY A 100 -16.48 -1.03 14.18
CA GLY A 100 -16.88 -2.39 14.53
C GLY A 100 -17.88 -3.12 13.66
N ILE A 101 -17.77 -2.97 12.35
CA ILE A 101 -18.69 -3.65 11.44
C ILE A 101 -17.97 -4.79 10.71
N TRP A 102 -18.70 -5.88 10.46
CA TRP A 102 -18.13 -7.03 9.77
C TRP A 102 -18.88 -7.19 8.45
N PHE A 103 -18.18 -6.98 7.34
CA PHE A 103 -18.77 -7.11 6.02
C PHE A 103 -18.47 -8.52 5.46
N LYS A 104 -19.52 -9.29 5.19
CA LYS A 104 -19.37 -10.64 4.67
C LYS A 104 -20.63 -11.05 3.92
N ASP A 105 -20.60 -12.23 3.30
CA ASP A 105 -21.75 -12.75 2.55
C ASP A 105 -22.39 -11.68 1.67
N GLY A 106 -21.58 -11.05 0.82
CA GLY A 106 -22.08 -10.01 -0.05
C GLY A 106 -22.76 -10.53 -1.31
N ASN A 107 -23.43 -9.63 -2.01
CA ASN A 107 -24.12 -9.99 -3.24
C ASN A 107 -24.41 -8.78 -4.15
N ARG A 108 -23.45 -7.86 -4.26
CA ARG A 108 -23.64 -6.70 -5.14
C ARG A 108 -23.67 -7.19 -6.58
N ALA A 109 -24.39 -6.48 -7.45
CA ALA A 109 -24.52 -6.88 -8.84
C ALA A 109 -23.21 -6.70 -9.61
N ILE A 110 -22.72 -7.78 -10.20
CA ILE A 110 -21.46 -7.71 -10.93
C ILE A 110 -21.52 -6.79 -12.14
N GLN A 111 -22.70 -6.51 -12.65
CA GLN A 111 -22.81 -5.63 -13.81
C GLN A 111 -23.02 -4.18 -13.39
N ALA A 112 -22.98 -3.92 -12.09
CA ALA A 112 -23.21 -2.57 -11.57
C ALA A 112 -22.01 -1.91 -10.89
N TRP A 113 -20.94 -2.67 -10.67
CA TRP A 113 -19.75 -2.11 -10.03
C TRP A 113 -18.51 -2.29 -10.90
N LYS A 114 -17.57 -1.35 -10.78
CA LYS A 114 -16.34 -1.40 -11.58
C LYS A 114 -15.08 -1.03 -10.81
N SER A 115 -13.93 -1.50 -11.30
CA SER A 115 -12.66 -1.12 -10.70
C SER A 115 -12.56 0.37 -11.08
N HIS A 116 -11.96 1.18 -10.20
CA HIS A 116 -11.81 2.62 -10.42
C HIS A 116 -13.09 3.38 -10.05
N GLY A 117 -14.05 2.65 -9.49
CA GLY A 117 -15.30 3.27 -9.08
C GLY A 117 -15.29 3.38 -7.56
N PRO A 118 -16.41 3.78 -6.95
CA PRO A 118 -16.45 3.89 -5.48
C PRO A 118 -16.29 2.52 -4.83
N GLY A 119 -15.76 2.49 -3.62
CA GLY A 119 -15.58 1.22 -2.94
C GLY A 119 -16.85 0.78 -2.22
N LEU A 120 -16.81 -0.43 -1.64
CA LEU A 120 -17.95 -0.95 -0.90
C LEU A 120 -18.33 0.13 0.09
N VAL A 121 -17.30 0.70 0.71
CA VAL A 121 -17.49 1.81 1.62
C VAL A 121 -16.80 2.94 0.88
N ALA A 122 -17.56 3.97 0.51
CA ALA A 122 -17.02 5.10 -0.21
C ALA A 122 -17.09 6.34 0.67
N ILE A 123 -15.94 6.96 0.88
CA ILE A 123 -15.87 8.15 1.71
C ILE A 123 -15.79 9.38 0.80
N TYR A 124 -16.87 10.17 0.80
CA TYR A 124 -16.92 11.36 -0.04
C TYR A 124 -16.68 12.66 0.74
N GLY A 125 -16.65 12.57 2.06
CA GLY A 125 -16.44 13.74 2.89
C GLY A 125 -15.11 13.69 3.62
N SER A 126 -14.64 14.84 4.08
CA SER A 126 -13.37 14.93 4.80
C SER A 126 -13.55 14.66 6.29
N TYR A 127 -12.42 14.46 6.97
CA TYR A 127 -12.40 14.21 8.41
C TYR A 127 -13.19 12.99 8.85
N ASN A 128 -13.24 11.96 8.01
CA ASN A 128 -13.98 10.76 8.37
C ASN A 128 -13.04 9.62 8.75
N ARG A 129 -13.56 8.71 9.58
CA ARG A 129 -12.77 7.59 10.03
C ARG A 129 -13.54 6.27 9.99
N ILE A 130 -12.88 5.22 9.54
CA ILE A 130 -13.48 3.90 9.52
C ILE A 130 -12.47 3.07 10.30
N THR A 131 -12.91 2.51 11.43
CA THR A 131 -12.00 1.76 12.29
C THR A 131 -12.60 0.46 12.85
N ALA A 132 -11.72 -0.47 13.13
CA ALA A 132 -12.11 -1.76 13.69
C ALA A 132 -13.20 -2.47 12.92
N CYS A 133 -13.08 -2.47 11.59
CA CYS A 133 -14.05 -3.16 10.73
C CYS A 133 -13.38 -4.33 10.04
N VAL A 134 -14.20 -5.32 9.68
CA VAL A 134 -13.73 -6.52 9.01
C VAL A 134 -14.34 -6.66 7.61
N PHE A 135 -13.48 -6.88 6.62
CA PHE A 135 -13.90 -7.08 5.24
C PHE A 135 -13.31 -8.44 4.87
N ASP A 136 -14.17 -9.44 4.69
CA ASP A 136 -13.70 -10.78 4.40
C ASP A 136 -14.40 -11.41 3.19
N CYS A 137 -13.66 -11.50 2.08
CA CYS A 137 -14.16 -12.07 0.83
C CYS A 137 -15.63 -11.68 0.67
N PHE A 138 -15.87 -10.37 0.61
CA PHE A 138 -17.24 -9.86 0.54
C PHE A 138 -18.12 -10.45 -0.55
N ASP A 139 -17.79 -10.20 -1.81
CA ASP A 139 -18.58 -10.73 -2.90
C ASP A 139 -17.80 -10.80 -4.22
N GLU A 140 -18.53 -10.82 -5.32
CA GLU A 140 -17.92 -10.93 -6.64
C GLU A 140 -17.93 -9.66 -7.48
N ALA A 141 -18.43 -8.56 -6.93
CA ALA A 141 -18.48 -7.30 -7.67
C ALA A 141 -17.13 -6.61 -7.59
N ASN A 142 -16.57 -6.25 -8.74
CA ASN A 142 -15.28 -5.58 -8.79
C ASN A 142 -15.32 -4.14 -8.30
N SER A 143 -14.46 -3.84 -7.33
CA SER A 143 -14.35 -2.52 -6.74
C SER A 143 -13.42 -2.67 -5.55
N ALA A 144 -13.00 -1.55 -4.98
CA ALA A 144 -12.15 -1.59 -3.80
C ALA A 144 -13.10 -1.84 -2.63
N TYR A 145 -12.56 -2.16 -1.46
CA TYR A 145 -13.40 -2.37 -0.29
C TYR A 145 -13.67 -1.02 0.37
N ILE A 146 -12.68 -0.15 0.32
CA ILE A 146 -12.81 1.20 0.86
C ILE A 146 -12.14 2.19 -0.08
N THR A 147 -12.79 3.32 -0.36
CA THR A 147 -12.21 4.35 -1.21
C THR A 147 -12.57 5.72 -0.67
N THR A 148 -11.77 6.71 -1.03
CA THR A 148 -12.09 8.10 -0.72
C THR A 148 -12.43 8.52 -2.14
N SER A 149 -13.60 9.08 -2.34
CA SER A 149 -14.03 9.42 -3.69
C SER A 149 -14.42 10.87 -3.87
N LEU A 150 -14.21 11.38 -5.08
CA LEU A 150 -14.59 12.75 -5.39
C LEU A 150 -16.09 12.81 -5.65
N THR A 151 -16.71 13.89 -5.19
CA THR A 151 -18.14 14.09 -5.42
C THR A 151 -18.26 14.52 -6.88
N GLU A 152 -19.47 14.47 -7.43
CA GLU A 152 -19.65 14.83 -8.83
C GLU A 152 -19.17 16.24 -9.20
N ASP A 153 -19.11 17.14 -8.22
CA ASP A 153 -18.67 18.50 -8.51
C ASP A 153 -17.14 18.71 -8.37
N GLY A 154 -16.42 17.63 -8.09
CA GLY A 154 -14.96 17.74 -7.99
C GLY A 154 -14.26 17.84 -6.66
N LYS A 155 -15.00 18.00 -5.58
CA LYS A 155 -14.41 18.15 -4.25
C LYS A 155 -13.65 16.89 -3.82
N VAL A 156 -12.46 17.10 -3.26
CA VAL A 156 -11.61 15.99 -2.82
C VAL A 156 -11.57 15.79 -1.31
N PRO A 157 -11.93 14.58 -0.83
CA PRO A 157 -11.92 14.30 0.60
C PRO A 157 -10.50 14.41 1.17
N GLN A 158 -10.40 14.95 2.38
CA GLN A 158 -9.11 15.11 3.04
C GLN A 158 -9.18 14.72 4.52
N HIS A 159 -8.02 14.48 5.11
CA HIS A 159 -7.92 14.18 6.53
C HIS A 159 -8.78 13.02 7.02
N CYS A 160 -8.82 11.94 6.25
CA CYS A 160 -9.58 10.77 6.67
C CYS A 160 -8.61 9.73 7.20
N ARG A 161 -9.14 8.77 7.96
CA ARG A 161 -8.32 7.72 8.53
C ARG A 161 -9.01 6.37 8.43
N ILE A 162 -8.24 5.36 8.05
CA ILE A 162 -8.73 4.00 7.95
C ILE A 162 -7.76 3.25 8.85
N ASP A 163 -8.25 2.71 9.96
CA ASP A 163 -7.36 2.02 10.88
C ASP A 163 -7.94 0.80 11.56
N HIS A 164 -7.05 -0.10 11.96
CA HIS A 164 -7.41 -1.34 12.63
C HIS A 164 -8.51 -2.12 11.91
N CYS A 165 -8.44 -2.12 10.58
CA CYS A 165 -9.39 -2.86 9.76
C CYS A 165 -8.68 -4.07 9.18
N SER A 166 -9.43 -5.15 8.98
CA SER A 166 -8.86 -6.37 8.42
C SER A 166 -9.45 -6.61 7.03
N PHE A 167 -8.58 -6.84 6.05
CA PHE A 167 -8.99 -7.07 4.66
C PHE A 167 -8.46 -8.43 4.22
N THR A 168 -9.33 -9.42 4.13
CA THR A 168 -8.89 -10.78 3.77
C THR A 168 -9.68 -11.48 2.67
N ASP A 169 -8.98 -12.36 1.96
CA ASP A 169 -9.54 -13.16 0.89
C ASP A 169 -10.33 -12.39 -0.16
N LYS A 170 -9.84 -11.21 -0.54
CA LYS A 170 -10.51 -10.41 -1.57
C LYS A 170 -10.35 -11.15 -2.89
N ILE A 171 -11.48 -11.49 -3.52
CA ILE A 171 -11.44 -12.23 -4.78
C ILE A 171 -11.88 -11.41 -5.98
N THR A 172 -11.89 -10.09 -5.83
CA THR A 172 -12.33 -9.18 -6.90
C THR A 172 -11.22 -8.25 -7.37
N PHE A 173 -11.38 -7.70 -8.57
CA PHE A 173 -10.39 -6.78 -9.10
C PHE A 173 -10.39 -5.42 -8.40
N ASP A 174 -9.37 -4.62 -8.70
CA ASP A 174 -9.15 -3.29 -8.13
C ASP A 174 -8.48 -3.46 -6.76
N GLN A 175 -7.90 -2.38 -6.24
CA GLN A 175 -7.22 -2.41 -4.95
C GLN A 175 -8.15 -2.69 -3.79
N VAL A 176 -7.58 -2.94 -2.62
CA VAL A 176 -8.36 -3.15 -1.41
C VAL A 176 -8.83 -1.75 -1.00
N ILE A 177 -7.92 -0.79 -1.10
CA ILE A 177 -8.17 0.62 -0.76
C ILE A 177 -7.64 1.59 -1.83
N ASN A 178 -8.49 2.53 -2.27
CA ASN A 178 -8.06 3.55 -3.23
C ASN A 178 -8.25 4.91 -2.59
N LEU A 179 -7.20 5.72 -2.59
CA LEU A 179 -7.26 7.08 -2.03
C LEU A 179 -7.17 8.00 -3.25
N ASN A 180 -8.32 8.54 -3.66
CA ASN A 180 -8.41 9.37 -4.86
C ASN A 180 -8.40 10.88 -4.68
N ASN A 181 -7.67 11.58 -5.54
CA ASN A 181 -7.67 13.03 -5.50
C ASN A 181 -7.84 13.57 -6.92
N THR A 182 -8.12 12.66 -7.85
CA THR A 182 -8.37 12.98 -9.25
C THR A 182 -9.25 11.88 -9.82
N ALA A 183 -9.95 12.24 -10.90
CA ALA A 183 -10.80 11.28 -11.60
C ALA A 183 -9.91 10.69 -12.67
N ARG A 184 -10.17 9.45 -13.02
CA ARG A 184 -9.37 8.76 -14.02
C ARG A 184 -9.58 9.41 -15.40
N ALA A 185 -8.49 9.71 -16.10
CA ALA A 185 -8.54 10.33 -17.42
C ALA A 185 -7.27 10.00 -18.19
N ILE A 186 -7.35 9.87 -19.52
CA ILE A 186 -6.17 9.55 -20.34
C ILE A 186 -5.02 10.29 -19.72
N LYS A 187 -5.24 11.58 -19.48
CA LYS A 187 -4.28 12.38 -18.75
C LYS A 187 -3.10 13.11 -19.36
N ASP A 188 -2.35 13.64 -18.39
CA ASP A 188 -1.14 14.42 -18.45
C ASP A 188 -1.24 15.88 -18.87
N GLY A 189 -2.15 16.58 -18.20
CA GLY A 189 -2.32 18.01 -18.42
C GLY A 189 -1.56 18.39 -17.17
N SER A 190 -0.47 19.15 -17.26
CA SER A 190 0.34 19.53 -16.08
C SER A 190 -0.41 19.59 -14.74
N VAL A 191 -1.72 19.77 -14.81
CA VAL A 191 -2.55 19.83 -13.61
C VAL A 191 -2.35 18.57 -12.76
N GLY A 192 -2.60 18.69 -11.45
CA GLY A 192 -2.45 17.56 -10.56
C GLY A 192 -3.47 17.61 -9.44
N GLY A 193 -3.72 16.47 -8.80
CA GLY A 193 -4.69 16.44 -7.71
C GLY A 193 -4.12 17.04 -6.44
N PRO A 194 -4.97 17.61 -5.58
CA PRO A 194 -4.58 18.24 -4.31
C PRO A 194 -4.16 17.22 -3.24
N GLY A 195 -3.33 17.68 -2.30
CA GLY A 195 -2.87 16.83 -1.20
C GLY A 195 -4.06 16.33 -0.39
N MET A 196 -4.01 15.08 0.06
CA MET A 196 -5.10 14.47 0.81
C MET A 196 -4.97 14.39 2.32
N TYR A 197 -3.76 14.17 2.80
CA TYR A 197 -3.49 14.07 4.23
C TYR A 197 -4.28 12.97 4.94
N HIS A 198 -4.46 11.83 4.29
CA HIS A 198 -5.16 10.72 4.94
C HIS A 198 -4.14 9.86 5.66
N ARG A 199 -4.64 8.94 6.47
CA ARG A 199 -3.76 8.03 7.18
C ARG A 199 -4.38 6.64 7.14
N VAL A 200 -3.55 5.65 6.86
CA VAL A 200 -3.97 4.27 6.84
C VAL A 200 -2.99 3.58 7.80
N ASP A 201 -3.49 3.12 8.94
CA ASP A 201 -2.61 2.49 9.90
C ASP A 201 -3.23 1.29 10.61
N HIS A 202 -2.37 0.42 11.11
CA HIS A 202 -2.79 -0.76 11.85
C HIS A 202 -3.83 -1.62 11.15
N CYS A 203 -3.70 -1.76 9.84
CA CYS A 203 -4.62 -2.59 9.08
C CYS A 203 -3.91 -3.88 8.67
N PHE A 204 -4.71 -4.90 8.38
CA PHE A 204 -4.19 -6.21 7.99
C PHE A 204 -4.64 -6.52 6.56
N PHE A 205 -3.68 -6.86 5.71
CA PHE A 205 -3.98 -7.19 4.31
C PHE A 205 -3.41 -8.55 3.94
N SER A 206 -4.27 -9.43 3.44
CA SER A 206 -3.84 -10.76 2.99
C SER A 206 -4.88 -11.20 1.97
N ASN A 207 -4.49 -11.18 0.70
CA ASN A 207 -5.40 -11.53 -0.38
C ASN A 207 -4.73 -12.32 -1.51
N PRO A 208 -5.48 -13.26 -2.11
CA PRO A 208 -5.00 -14.14 -3.19
C PRO A 208 -4.59 -13.43 -4.47
N GLN A 209 -3.72 -14.07 -5.22
CA GLN A 209 -3.17 -13.52 -6.46
C GLN A 209 -4.10 -13.55 -7.67
N LYS A 210 -4.27 -12.37 -8.27
CA LYS A 210 -5.09 -12.21 -9.46
C LYS A 210 -4.14 -12.05 -10.66
N PRO A 211 -4.61 -12.34 -11.87
CA PRO A 211 -3.80 -12.22 -13.08
C PRO A 211 -3.58 -10.76 -13.52
N GLY A 212 -2.39 -10.48 -14.04
CA GLY A 212 -2.05 -9.15 -14.53
C GLY A 212 -2.15 -7.98 -13.57
N ASN A 213 -2.45 -6.81 -14.13
CA ASN A 213 -2.57 -5.57 -13.34
C ASN A 213 -4.01 -5.52 -12.83
N ALA A 214 -4.29 -6.40 -11.87
CA ALA A 214 -5.62 -6.57 -11.31
C ALA A 214 -5.98 -5.76 -10.07
N GLY A 215 -5.10 -4.87 -9.63
CA GLY A 215 -5.40 -4.08 -8.44
C GLY A 215 -4.78 -4.74 -7.23
N GLY A 216 -3.93 -4.00 -6.51
CA GLY A 216 -3.25 -4.56 -5.36
C GLY A 216 -3.84 -4.22 -4.01
N GLY A 217 -2.97 -3.81 -3.08
CA GLY A 217 -3.43 -3.47 -1.76
C GLY A 217 -3.96 -2.06 -1.64
N ILE A 218 -3.09 -1.09 -1.86
CA ILE A 218 -3.48 0.31 -1.75
C ILE A 218 -2.96 1.12 -2.93
N ARG A 219 -3.77 2.08 -3.39
CA ARG A 219 -3.38 3.00 -4.45
C ARG A 219 -3.64 4.40 -3.91
N ILE A 220 -2.70 5.30 -4.11
CA ILE A 220 -2.86 6.67 -3.66
C ILE A 220 -2.55 7.59 -4.84
N GLY A 221 -3.59 8.26 -5.34
CA GLY A 221 -3.42 9.14 -6.48
C GLY A 221 -3.43 8.37 -7.79
N TYR A 222 -3.13 9.07 -8.89
CA TYR A 222 -3.10 8.44 -10.20
C TYR A 222 -1.88 8.82 -11.06
N TYR A 223 -1.49 10.10 -11.05
CA TYR A 223 -0.36 10.52 -11.89
C TYR A 223 0.70 11.30 -11.12
N ARG A 224 1.88 11.42 -11.72
CA ARG A 224 3.01 12.08 -11.09
C ARG A 224 2.80 13.51 -10.63
N ASN A 225 1.84 14.22 -11.24
CA ASN A 225 1.58 15.59 -10.82
C ASN A 225 0.66 15.67 -9.62
N ASP A 226 0.09 14.53 -9.21
CA ASP A 226 -0.80 14.51 -8.06
C ASP A 226 -0.01 14.58 -6.75
N ILE A 227 -0.54 15.31 -5.77
CA ILE A 227 0.11 15.44 -4.46
C ILE A 227 -0.67 14.58 -3.47
N GLY A 228 0.04 13.75 -2.72
CA GLY A 228 -0.62 12.88 -1.78
C GLY A 228 -0.54 13.30 -0.32
N ARG A 229 0.68 13.36 0.20
CA ARG A 229 0.92 13.70 1.61
C ARG A 229 0.07 12.85 2.54
N CYS A 230 0.01 11.56 2.22
CA CYS A 230 -0.74 10.60 3.02
C CYS A 230 0.27 9.80 3.83
N LEU A 231 -0.15 9.37 5.02
CA LEU A 231 0.71 8.59 5.90
C LEU A 231 0.17 7.18 5.94
N VAL A 232 1.04 6.22 5.63
CA VAL A 232 0.68 4.80 5.66
C VAL A 232 1.69 4.21 6.62
N ASP A 233 1.24 3.87 7.82
CA ASP A 233 2.15 3.35 8.82
C ASP A 233 1.59 2.23 9.69
N SER A 234 2.49 1.36 10.15
CA SER A 234 2.11 0.28 11.04
C SER A 234 1.05 -0.66 10.53
N ASN A 235 1.16 -1.00 9.25
CA ASN A 235 0.22 -1.93 8.64
C ASN A 235 0.95 -3.25 8.47
N LEU A 236 0.18 -4.33 8.48
CA LEU A 236 0.77 -5.65 8.29
C LEU A 236 0.21 -6.26 7.04
N PHE A 237 1.08 -6.45 6.05
CA PHE A 237 0.71 -7.07 4.79
C PHE A 237 1.31 -8.46 4.89
N MET A 238 0.45 -9.46 5.00
CA MET A 238 0.90 -10.85 5.13
C MET A 238 0.31 -11.63 3.96
N ARG A 239 1.17 -11.99 3.01
CA ARG A 239 0.73 -12.68 1.81
C ARG A 239 -0.29 -11.79 1.08
N GLN A 240 0.05 -10.50 0.98
CA GLN A 240 -0.79 -9.58 0.22
C GLN A 240 -0.26 -9.87 -1.18
N ASP A 241 -0.95 -10.76 -1.88
CA ASP A 241 -0.54 -11.22 -3.20
C ASP A 241 -1.43 -10.80 -4.37
N SER A 242 -2.42 -9.94 -4.13
CA SER A 242 -3.34 -9.53 -5.18
C SER A 242 -2.73 -9.37 -6.56
N GLU A 243 -1.62 -8.65 -6.65
CA GLU A 243 -0.94 -8.48 -7.92
C GLU A 243 0.52 -8.08 -7.70
N ALA A 244 1.19 -7.71 -8.78
CA ALA A 244 2.60 -7.32 -8.71
C ALA A 244 2.84 -6.16 -7.74
N GLU A 245 1.85 -5.29 -7.58
CA GLU A 245 1.99 -4.14 -6.69
C GLU A 245 1.28 -4.28 -5.35
N ILE A 246 2.06 -4.31 -4.26
CA ILE A 246 1.49 -4.40 -2.92
C ILE A 246 0.79 -3.06 -2.69
N ILE A 247 1.53 -2.00 -2.97
CA ILE A 247 1.03 -0.64 -2.87
C ILE A 247 1.54 0.08 -4.10
N THR A 248 0.63 0.72 -4.83
CA THR A 248 1.04 1.46 -6.00
C THR A 248 0.83 2.93 -5.64
N SER A 249 1.88 3.54 -5.09
CA SER A 249 1.81 4.93 -4.68
C SER A 249 1.97 5.81 -5.92
N LYS A 250 0.87 6.43 -6.33
CA LYS A 250 0.85 7.27 -7.52
C LYS A 250 0.63 8.75 -7.25
N SER A 251 1.34 9.27 -6.27
CA SER A 251 1.24 10.69 -5.93
C SER A 251 2.46 11.08 -5.11
N GLN A 252 2.76 12.37 -5.12
CA GLN A 252 3.92 12.92 -4.42
C GLN A 252 3.81 13.02 -2.92
N GLU A 253 4.98 13.01 -2.28
CA GLU A 253 5.12 13.17 -0.84
C GLU A 253 4.30 12.31 0.10
N ASN A 254 4.17 11.03 -0.22
CA ASN A 254 3.47 10.12 0.67
C ASN A 254 4.57 9.51 1.54
N VAL A 255 4.21 9.16 2.77
CA VAL A 255 5.18 8.58 3.70
C VAL A 255 4.75 7.21 4.17
N TYR A 256 5.63 6.23 3.96
CA TYR A 256 5.38 4.86 4.37
C TYR A 256 6.35 4.57 5.49
N TYR A 257 5.81 4.46 6.71
CA TYR A 257 6.63 4.22 7.89
C TYR A 257 6.20 3.09 8.80
N GLY A 258 7.15 2.23 9.14
CA GLY A 258 6.89 1.12 10.04
C GLY A 258 5.89 0.08 9.59
N ASN A 259 5.86 -0.20 8.30
CA ASN A 259 4.96 -1.21 7.75
C ASN A 259 5.72 -2.53 7.63
N THR A 260 5.00 -3.62 7.82
CA THR A 260 5.59 -4.94 7.70
C THR A 260 4.98 -5.65 6.50
N TYR A 261 5.84 -6.20 5.65
CA TYR A 261 5.41 -6.91 4.47
C TYR A 261 5.99 -8.32 4.58
N LEU A 262 5.16 -9.24 5.05
CA LEU A 262 5.57 -10.63 5.24
C LEU A 262 5.09 -11.54 4.13
N ASN A 263 6.04 -12.21 3.49
CA ASN A 263 5.76 -13.14 2.40
C ASN A 263 4.72 -12.62 1.41
N CYS A 264 5.00 -11.45 0.84
CA CYS A 264 4.09 -10.83 -0.13
C CYS A 264 4.63 -11.00 -1.55
N GLN A 265 3.79 -11.52 -2.45
CA GLN A 265 4.19 -11.70 -3.84
C GLN A 265 4.01 -10.40 -4.60
N GLY A 266 4.87 -9.44 -4.33
CA GLY A 266 4.78 -8.17 -5.01
C GLY A 266 5.78 -7.24 -4.37
N THR A 267 5.75 -5.98 -4.77
CA THR A 267 6.65 -4.99 -4.21
C THR A 267 5.88 -3.73 -3.81
N MET A 268 6.43 -2.98 -2.86
CA MET A 268 5.81 -1.74 -2.44
C MET A 268 6.42 -0.71 -3.38
N ASN A 269 5.58 -0.05 -4.18
CA ASN A 269 6.07 0.88 -5.19
C ASN A 269 5.80 2.38 -5.11
N PHE A 270 6.80 3.14 -5.59
CA PHE A 270 6.69 4.58 -5.76
C PHE A 270 6.46 4.53 -7.28
N ARG A 271 5.22 4.28 -7.68
CA ARG A 271 4.88 4.16 -9.09
C ARG A 271 4.88 5.45 -9.90
N HIS A 272 4.19 6.47 -9.41
CA HIS A 272 4.16 7.78 -10.07
C HIS A 272 4.33 8.84 -8.99
N GLY A 273 4.98 9.95 -9.34
CA GLY A 273 5.16 11.02 -8.39
C GLY A 273 6.50 11.01 -7.68
N ASP A 274 7.19 12.15 -7.73
CA ASP A 274 8.49 12.28 -7.10
C ASP A 274 8.37 12.62 -5.62
N HIS A 275 9.53 12.65 -4.97
CA HIS A 275 9.65 12.96 -3.55
C HIS A 275 8.78 12.14 -2.62
N GLN A 276 8.98 10.82 -2.62
CA GLN A 276 8.21 9.96 -1.75
C GLN A 276 9.13 9.41 -0.66
N VAL A 277 8.54 8.99 0.47
CA VAL A 277 9.32 8.51 1.59
C VAL A 277 8.98 7.11 2.12
N ALA A 278 9.99 6.28 2.32
CA ALA A 278 9.78 4.95 2.87
C ALA A 278 10.83 4.78 3.97
N ILE A 279 10.38 4.78 5.22
CA ILE A 279 11.30 4.66 6.35
C ILE A 279 10.93 3.56 7.34
N ASN A 280 11.94 2.79 7.70
CA ASN A 280 11.83 1.72 8.68
C ASN A 280 10.73 0.69 8.42
N ASN A 281 10.64 0.22 7.19
CA ASN A 281 9.66 -0.80 6.83
C ASN A 281 10.40 -2.13 6.84
N PHE A 282 9.68 -3.22 7.06
CA PHE A 282 10.29 -4.53 7.06
C PHE A 282 9.77 -5.35 5.91
N TYR A 283 10.67 -5.79 5.04
CA TYR A 283 10.29 -6.63 3.91
C TYR A 283 10.90 -7.98 4.21
N ILE A 284 10.04 -8.91 4.65
CA ILE A 284 10.47 -10.24 5.06
C ILE A 284 9.85 -11.38 4.26
N GLY A 285 10.69 -12.31 3.82
CA GLY A 285 10.24 -13.49 3.11
C GLY A 285 10.90 -14.59 3.92
N ASN A 286 10.12 -15.45 4.58
CA ASN A 286 10.72 -16.49 5.41
C ASN A 286 10.48 -17.94 5.04
N ASP A 287 10.01 -18.18 3.82
CA ASP A 287 9.85 -19.55 3.34
C ASP A 287 10.16 -19.58 1.85
N GLN A 288 10.05 -20.75 1.24
CA GLN A 288 10.36 -20.91 -0.17
C GLN A 288 9.13 -21.12 -1.03
N ARG A 289 7.95 -20.73 -0.55
CA ARG A 289 6.73 -20.97 -1.31
C ARG A 289 6.58 -20.13 -2.57
N PHE A 290 6.91 -18.84 -2.49
CA PHE A 290 6.82 -17.96 -3.66
C PHE A 290 7.95 -16.95 -3.66
N GLY A 291 8.01 -16.13 -4.71
CA GLY A 291 8.99 -15.07 -4.79
C GLY A 291 8.37 -13.90 -4.06
N TYR A 292 9.13 -13.22 -3.20
CA TYR A 292 8.61 -12.10 -2.42
C TYR A 292 9.35 -10.79 -2.69
N GLY A 293 8.79 -9.68 -2.22
CA GLY A 293 9.43 -8.38 -2.39
C GLY A 293 9.24 -7.47 -1.18
N GLY A 294 10.03 -6.40 -1.11
CA GLY A 294 10.53 -5.73 -2.30
C GLY A 294 9.98 -4.33 -2.43
N MET A 295 10.69 -3.50 -3.19
CA MET A 295 10.28 -2.13 -3.49
C MET A 295 10.73 -1.88 -4.93
N PHE A 296 9.83 -1.36 -5.76
CA PHE A 296 10.19 -1.05 -7.15
C PHE A 296 9.98 0.46 -7.18
N VAL A 297 11.04 1.20 -7.52
CA VAL A 297 10.99 2.64 -7.51
C VAL A 297 11.12 3.37 -8.85
N TRP A 298 10.14 4.21 -9.14
CA TRP A 298 10.12 5.04 -10.33
C TRP A 298 10.30 6.48 -9.81
N GLY A 299 10.82 7.38 -10.63
CA GLY A 299 10.93 8.76 -10.19
C GLY A 299 12.14 9.17 -9.37
N SER A 300 12.18 10.45 -9.01
CA SER A 300 13.30 11.02 -8.27
C SER A 300 12.97 11.73 -6.96
N ARG A 301 14.04 12.18 -6.29
CA ARG A 301 13.97 12.91 -5.03
C ARG A 301 13.37 12.16 -3.85
N HIS A 302 13.40 10.83 -3.92
CA HIS A 302 12.85 9.99 -2.86
C HIS A 302 13.79 9.84 -1.66
N VAL A 303 13.23 9.37 -0.55
CA VAL A 303 14.00 9.09 0.65
C VAL A 303 13.65 7.65 1.01
N ILE A 304 14.62 6.76 0.83
CA ILE A 304 14.43 5.34 1.13
C ILE A 304 15.46 5.05 2.21
N ALA A 305 15.00 4.96 3.45
CA ALA A 305 15.92 4.74 4.56
C ALA A 305 15.46 3.83 5.69
N CYS A 306 16.44 3.24 6.37
CA CYS A 306 16.20 2.37 7.52
C CYS A 306 15.24 1.22 7.27
N ASN A 307 15.13 0.79 6.01
CA ASN A 307 14.26 -0.34 5.69
C ASN A 307 15.06 -1.61 5.85
N TYR A 308 14.38 -2.69 6.24
CA TYR A 308 15.02 -3.97 6.43
C TYR A 308 14.49 -4.99 5.44
N PHE A 309 15.39 -5.52 4.60
CA PHE A 309 15.04 -6.51 3.59
C PHE A 309 15.71 -7.84 3.88
N GLU A 310 14.92 -8.88 4.03
CA GLU A 310 15.43 -10.23 4.24
C GLU A 310 14.46 -11.15 3.51
N LEU A 311 14.77 -11.41 2.24
CA LEU A 311 13.93 -12.21 1.38
C LEU A 311 14.53 -13.55 0.99
N SER A 312 13.89 -14.62 1.47
CA SER A 312 14.32 -15.99 1.21
C SER A 312 14.24 -16.37 -0.27
N GLU A 313 13.35 -15.69 -0.99
CA GLU A 313 13.13 -15.89 -2.43
C GLU A 313 12.69 -14.53 -3.00
N THR A 314 13.19 -14.19 -4.20
CA THR A 314 12.78 -12.94 -4.81
C THR A 314 11.95 -13.23 -6.06
N ILE A 315 11.38 -12.17 -6.63
CA ILE A 315 10.51 -12.28 -7.80
C ILE A 315 11.25 -12.34 -9.13
N LYS A 316 11.19 -13.51 -9.77
CA LYS A 316 11.84 -13.72 -11.05
C LYS A 316 11.38 -12.79 -12.18
N SER A 317 10.06 -12.61 -12.31
CA SER A 317 9.52 -11.77 -13.37
C SER A 317 10.02 -10.33 -13.31
N ARG A 318 10.39 -9.86 -12.12
CA ARG A 318 10.87 -8.49 -11.98
C ARG A 318 12.38 -8.33 -12.00
N GLY A 319 13.12 -9.42 -11.85
CA GLY A 319 14.58 -9.34 -11.85
C GLY A 319 15.30 -9.89 -10.64
N ASN A 320 14.57 -10.53 -9.73
CA ASN A 320 15.16 -11.13 -8.52
C ASN A 320 15.96 -10.16 -7.65
N ALA A 321 15.30 -9.19 -7.05
CA ALA A 321 15.98 -8.23 -6.19
C ALA A 321 15.13 -7.82 -5.00
N ALA A 322 15.72 -7.03 -4.10
CA ALA A 322 15.02 -6.53 -2.94
C ALA A 322 14.52 -5.14 -3.32
N LEU A 323 15.44 -4.30 -3.80
CA LEU A 323 15.15 -2.94 -4.22
C LEU A 323 15.40 -2.79 -5.71
N TYR A 324 14.35 -2.46 -6.46
CA TYR A 324 14.46 -2.29 -7.91
C TYR A 324 14.43 -0.81 -8.28
N LEU A 325 15.44 -0.34 -8.99
CA LEU A 325 15.50 1.07 -9.39
C LEU A 325 15.19 1.15 -10.90
N ASN A 326 14.03 1.71 -11.21
CA ASN A 326 13.56 1.80 -12.58
C ASN A 326 14.34 2.57 -13.65
N PRO A 327 14.72 1.88 -14.74
CA PRO A 327 15.44 2.54 -15.83
C PRO A 327 14.34 3.08 -16.76
N GLY A 328 14.59 4.19 -17.46
CA GLY A 328 13.56 4.71 -18.35
C GLY A 328 13.74 6.18 -18.67
N ALA A 329 12.67 6.82 -19.13
CA ALA A 329 12.70 8.24 -19.49
C ALA A 329 12.32 9.12 -18.32
N MET A 330 13.05 10.21 -18.14
CA MET A 330 12.78 11.12 -17.03
C MET A 330 11.34 11.65 -17.01
N ALA A 331 10.72 11.62 -15.83
CA ALA A 331 9.36 12.12 -15.63
C ALA A 331 8.34 11.58 -16.64
N SER A 332 8.48 10.32 -17.02
CA SER A 332 7.57 9.71 -17.98
C SER A 332 6.58 8.79 -17.28
N GLU A 333 5.87 7.99 -18.07
CA GLU A 333 4.90 7.01 -17.58
C GLU A 333 5.64 5.95 -16.76
N HIS A 334 6.91 5.76 -17.08
CA HIS A 334 7.79 4.83 -16.39
C HIS A 334 9.00 5.69 -16.08
N ALA A 335 8.78 6.63 -15.17
CA ALA A 335 9.80 7.60 -14.77
C ALA A 335 11.14 7.05 -14.29
N LEU A 336 12.20 7.55 -14.91
CA LEU A 336 13.55 7.18 -14.53
C LEU A 336 13.72 7.40 -13.03
N ALA A 337 14.41 6.47 -12.38
CA ALA A 337 14.67 6.58 -10.96
C ALA A 337 16.06 7.18 -10.82
N PHE A 338 16.15 8.41 -10.32
CA PHE A 338 17.44 9.05 -10.13
C PHE A 338 17.35 10.10 -9.04
N ASP A 339 18.50 10.65 -8.66
CA ASP A 339 18.58 11.70 -7.65
C ASP A 339 17.73 11.44 -6.41
N MET A 340 18.14 10.45 -5.61
CA MET A 340 17.42 10.12 -4.38
C MET A 340 18.39 9.63 -3.31
N LEU A 341 17.89 9.55 -2.08
CA LEU A 341 18.69 9.11 -0.94
C LEU A 341 18.32 7.70 -0.52
N ILE A 342 19.31 6.82 -0.52
CA ILE A 342 19.13 5.43 -0.09
C ILE A 342 20.07 5.29 1.09
N ALA A 343 19.54 5.43 2.29
CA ALA A 343 20.38 5.38 3.50
C ALA A 343 19.96 4.46 4.64
N ASN A 344 20.97 3.99 5.36
CA ASN A 344 20.79 3.13 6.53
C ASN A 344 19.86 1.93 6.37
N ASN A 345 19.76 1.41 5.16
CA ASN A 345 18.92 0.23 4.92
C ASN A 345 19.78 -1.00 5.19
N ALA A 346 19.14 -2.12 5.44
CA ALA A 346 19.86 -3.36 5.69
C ALA A 346 19.33 -4.42 4.75
N PHE A 347 20.24 -5.08 4.04
CA PHE A 347 19.86 -6.15 3.13
C PHE A 347 20.52 -7.40 3.69
N ILE A 348 19.74 -8.18 4.43
CA ILE A 348 20.23 -9.39 5.07
C ILE A 348 19.76 -10.67 4.41
N ASN A 349 20.73 -11.45 3.94
CA ASN A 349 20.45 -12.71 3.27
C ASN A 349 19.35 -12.68 2.24
N VAL A 350 19.41 -11.71 1.35
CA VAL A 350 18.42 -11.61 0.29
C VAL A 350 18.83 -12.62 -0.77
N ASN A 351 17.89 -13.47 -1.18
CA ASN A 351 18.17 -14.45 -2.21
C ASN A 351 17.85 -13.78 -3.54
N GLY A 352 18.74 -12.87 -3.91
CA GLY A 352 18.60 -12.10 -5.13
C GLY A 352 19.49 -10.88 -4.95
N TYR A 353 19.51 -9.95 -5.89
CA TYR A 353 20.35 -8.78 -5.74
C TYR A 353 19.78 -7.88 -4.65
N ALA A 354 20.66 -7.24 -3.88
CA ALA A 354 20.20 -6.33 -2.86
C ALA A 354 19.58 -5.15 -3.62
N ILE A 355 20.29 -4.66 -4.63
CA ILE A 355 19.80 -3.54 -5.44
C ILE A 355 20.04 -3.83 -6.93
N HIS A 356 18.98 -3.74 -7.73
CA HIS A 356 19.07 -3.96 -9.17
C HIS A 356 18.97 -2.56 -9.79
N PHE A 357 20.03 -2.14 -10.49
CA PHE A 357 20.05 -0.81 -11.09
C PHE A 357 19.45 -0.67 -12.49
N ASN A 358 18.92 -1.73 -13.06
CA ASN A 358 18.29 -1.62 -14.37
C ASN A 358 17.28 -2.72 -14.65
N PRO A 359 16.34 -2.95 -13.73
CA PRO A 359 15.33 -3.99 -13.93
C PRO A 359 14.42 -3.69 -15.12
N LEU A 360 14.02 -4.74 -15.83
CA LEU A 360 13.14 -4.63 -16.99
C LEU A 360 13.63 -3.65 -18.04
N ASP A 361 14.95 -3.51 -18.16
CA ASP A 361 15.52 -2.54 -19.11
C ASP A 361 15.19 -2.78 -20.58
N GLU A 362 15.07 -4.04 -20.99
CA GLU A 362 14.72 -4.31 -22.38
C GLU A 362 13.34 -3.76 -22.72
N ARG A 363 12.39 -3.97 -21.81
CA ARG A 363 11.03 -3.49 -22.02
C ARG A 363 10.98 -1.97 -21.97
N ARG A 364 11.69 -1.39 -21.01
CA ARG A 364 11.73 0.05 -20.86
C ARG A 364 12.34 0.72 -22.09
N LYS A 365 13.38 0.12 -22.67
CA LYS A 365 14.02 0.70 -23.86
C LYS A 365 13.01 0.73 -25.00
N GLU A 366 12.32 -0.38 -25.20
CA GLU A 366 11.33 -0.49 -26.25
C GLU A 366 10.21 0.51 -26.02
N TYR A 367 9.78 0.65 -24.76
CA TYR A 367 8.72 1.60 -24.42
C TYR A 367 9.11 3.02 -24.81
N CYS A 368 10.35 3.40 -24.48
CA CYS A 368 10.84 4.74 -24.79
C CYS A 368 10.96 4.95 -26.29
N ALA A 369 11.42 3.93 -27.01
CA ALA A 369 11.57 4.02 -28.46
C ALA A 369 10.20 4.22 -29.12
N ALA A 370 9.21 3.46 -28.66
CA ALA A 370 7.86 3.53 -29.21
C ALA A 370 7.16 4.85 -28.90
N ASN A 371 7.63 5.56 -27.87
CA ASN A 371 7.04 6.83 -27.48
C ASN A 371 7.97 8.02 -27.73
N ARG A 372 9.07 7.76 -28.44
CA ARG A 372 10.02 8.81 -28.77
C ARG A 372 10.56 9.51 -27.53
N LEU A 373 10.76 8.71 -26.48
CA LEU A 373 11.28 9.19 -25.21
C LEU A 373 12.76 8.83 -25.16
N LYS A 374 13.50 9.51 -24.29
CA LYS A 374 14.93 9.27 -24.12
C LYS A 374 15.19 8.28 -22.99
N PHE A 375 15.69 7.10 -23.35
CA PHE A 375 15.98 6.06 -22.36
C PHE A 375 17.25 6.37 -21.59
N GLU A 376 17.15 6.38 -20.27
CA GLU A 376 18.29 6.64 -19.39
C GLU A 376 18.30 5.59 -18.28
N THR A 377 19.36 5.57 -17.49
CA THR A 377 19.47 4.62 -16.40
C THR A 377 19.75 5.32 -15.08
N PRO A 378 19.42 4.66 -13.96
CA PRO A 378 19.62 5.20 -12.61
C PRO A 378 20.99 5.81 -12.34
N HIS A 379 20.98 7.07 -11.87
CA HIS A 379 22.20 7.79 -11.56
C HIS A 379 21.90 8.85 -10.50
N GLN A 380 22.92 9.56 -10.04
CA GLN A 380 22.75 10.58 -9.02
C GLN A 380 22.13 10.01 -7.74
N LEU A 381 22.43 8.74 -7.49
CA LEU A 381 21.91 8.07 -6.30
C LEU A 381 22.88 8.26 -5.16
N MET A 382 22.36 8.62 -3.99
CA MET A 382 23.20 8.80 -2.80
C MET A 382 22.98 7.58 -1.91
N LEU A 383 23.95 6.67 -1.93
CA LEU A 383 23.86 5.47 -1.09
C LEU A 383 24.75 5.67 0.12
N LYS A 384 24.14 5.90 1.27
CA LYS A 384 24.88 6.14 2.51
C LYS A 384 24.53 5.22 3.68
N GLY A 385 25.57 4.71 4.33
CA GLY A 385 25.38 3.85 5.50
C GLY A 385 24.50 2.62 5.38
N ASN A 386 24.45 2.02 4.20
CA ASN A 386 23.66 0.81 4.00
C ASN A 386 24.48 -0.42 4.36
N LEU A 387 23.80 -1.45 4.87
CA LEU A 387 24.44 -2.71 5.22
C LEU A 387 24.00 -3.81 4.27
N PHE A 388 24.97 -4.47 3.64
CA PHE A 388 24.65 -5.57 2.74
C PHE A 388 25.38 -6.76 3.31
N PHE A 389 24.63 -7.77 3.72
CA PHE A 389 25.19 -8.97 4.33
C PHE A 389 24.57 -10.25 3.80
N LYS A 390 25.39 -11.30 3.72
CA LYS A 390 24.92 -12.59 3.23
C LYS A 390 25.82 -13.72 3.71
N ASP A 391 25.22 -14.77 4.28
CA ASP A 391 25.98 -15.92 4.72
C ASP A 391 25.30 -17.23 4.35
N LYS A 392 24.23 -17.13 3.58
CA LYS A 392 23.52 -18.32 3.12
C LYS A 392 23.98 -18.62 1.69
N PRO A 393 23.88 -19.89 1.26
CA PRO A 393 24.26 -20.38 -0.07
C PRO A 393 23.52 -19.83 -1.29
N TYR A 394 23.09 -18.58 -1.23
CA TYR A 394 22.40 -17.96 -2.37
C TYR A 394 23.48 -17.59 -3.39
N VAL A 395 23.11 -17.49 -4.66
CA VAL A 395 24.10 -17.23 -5.69
C VAL A 395 24.22 -15.82 -6.26
N TYR A 396 23.41 -14.89 -5.77
CA TYR A 396 23.46 -13.53 -6.33
C TYR A 396 24.42 -12.54 -5.68
N PRO A 397 25.18 -11.81 -6.51
CA PRO A 397 26.11 -10.82 -5.95
C PRO A 397 25.16 -9.73 -5.42
N PHE A 398 25.66 -8.80 -4.63
CA PHE A 398 24.80 -7.77 -4.08
C PHE A 398 24.14 -6.84 -5.10
N PHE A 399 24.86 -6.50 -6.17
CA PHE A 399 24.32 -5.57 -7.14
C PHE A 399 24.38 -5.98 -8.61
N LYS A 400 23.48 -5.40 -9.39
CA LYS A 400 23.42 -5.60 -10.82
C LYS A 400 23.26 -4.24 -11.50
N ASP A 401 24.26 -3.84 -12.26
CA ASP A 401 24.18 -2.57 -12.98
C ASP A 401 24.88 -2.79 -14.31
N ASP A 402 24.09 -3.13 -15.32
CA ASP A 402 24.60 -3.38 -16.66
C ASP A 402 25.07 -2.09 -17.33
N TYR A 403 24.72 -0.94 -16.74
CA TYR A 403 25.11 0.35 -17.31
C TYR A 403 25.98 1.16 -16.36
N PHE A 404 26.79 0.47 -15.57
CA PHE A 404 27.66 1.15 -14.62
C PHE A 404 28.58 2.20 -15.24
N ILE A 405 28.61 3.37 -14.63
CA ILE A 405 29.48 4.46 -15.04
C ILE A 405 30.12 5.02 -13.78
N ALA A 406 31.45 5.12 -13.77
CA ALA A 406 32.15 5.61 -12.59
C ALA A 406 31.68 7.01 -12.18
N GLY A 407 31.44 7.18 -10.89
CA GLY A 407 31.00 8.46 -10.37
C GLY A 407 29.58 8.90 -10.65
N LYS A 408 28.78 8.07 -11.32
CA LYS A 408 27.41 8.50 -11.59
C LYS A 408 26.63 8.53 -10.28
N ASN A 409 27.02 7.66 -9.35
CA ASN A 409 26.41 7.57 -8.03
C ASN A 409 27.47 7.81 -6.97
N SER A 410 27.02 8.04 -5.75
CA SER A 410 27.91 8.30 -4.63
C SER A 410 27.69 7.26 -3.52
N TRP A 411 28.75 6.57 -3.12
CA TRP A 411 28.66 5.58 -2.05
C TRP A 411 29.48 6.04 -0.86
N THR A 412 28.85 6.09 0.31
CA THR A 412 29.55 6.53 1.52
C THR A 412 29.07 5.79 2.78
N GLY A 413 30.02 5.27 3.54
CA GLY A 413 29.69 4.59 4.79
C GLY A 413 28.88 3.31 4.74
N ASN A 414 28.93 2.62 3.61
CA ASN A 414 28.20 1.36 3.47
C ASN A 414 29.15 0.23 3.90
N VAL A 415 28.59 -0.95 4.13
CA VAL A 415 29.37 -2.12 4.48
C VAL A 415 28.80 -3.29 3.69
N ALA A 416 29.67 -4.10 3.11
CA ALA A 416 29.22 -5.24 2.33
C ALA A 416 30.14 -6.44 2.52
N LEU A 417 29.56 -7.60 2.80
CA LEU A 417 30.33 -8.83 2.97
C LEU A 417 29.47 -10.06 2.85
N GLY A 418 30.07 -11.15 2.38
CA GLY A 418 29.35 -12.40 2.22
C GLY A 418 29.36 -12.89 0.79
N VAL A 419 29.39 -11.95 -0.16
CA VAL A 419 29.39 -12.30 -1.57
C VAL A 419 29.93 -11.13 -2.38
N GLU A 420 30.33 -11.39 -3.62
CA GLU A 420 30.86 -10.34 -4.46
C GLU A 420 29.82 -9.23 -4.64
N LYS A 421 30.29 -8.02 -4.87
CA LYS A 421 29.40 -6.90 -5.05
C LYS A 421 28.72 -6.89 -6.41
N GLY A 422 29.46 -7.29 -7.45
CA GLY A 422 28.87 -7.32 -8.78
C GLY A 422 29.17 -6.09 -9.59
N ILE A 423 29.62 -5.02 -8.93
CA ILE A 423 29.94 -3.78 -9.64
C ILE A 423 31.25 -3.24 -9.05
N PRO A 424 32.03 -2.51 -9.86
CA PRO A 424 33.31 -1.95 -9.39
C PRO A 424 33.18 -0.77 -8.42
N VAL A 425 32.78 -1.07 -7.19
CA VAL A 425 32.66 -0.04 -6.17
C VAL A 425 33.42 -0.48 -4.91
N ASN A 426 34.25 0.42 -4.40
CA ASN A 426 35.08 0.18 -3.21
C ASN A 426 34.19 0.32 -1.96
N ILE A 427 33.87 -0.78 -1.29
CA ILE A 427 33.03 -0.72 -0.09
C ILE A 427 33.65 -1.46 1.10
N SER A 428 33.58 -0.86 2.27
CA SER A 428 34.12 -1.48 3.48
C SER A 428 33.50 -2.84 3.71
N ALA A 429 34.31 -3.78 4.17
CA ALA A 429 33.85 -5.13 4.46
C ALA A 429 33.83 -5.30 5.97
N ASN A 430 34.12 -4.21 6.67
CA ASN A 430 34.19 -4.22 8.14
C ASN A 430 32.82 -4.10 8.83
N ARG A 431 32.23 -5.25 9.15
CA ARG A 431 30.94 -5.31 9.82
C ARG A 431 30.96 -4.72 11.24
N SER A 432 31.99 -5.04 12.02
CA SER A 432 32.08 -4.54 13.37
C SER A 432 32.11 -3.02 13.43
N ALA A 433 32.50 -2.41 12.31
CA ALA A 433 32.59 -0.95 12.25
C ALA A 433 31.35 -0.32 11.65
N TYR A 434 30.40 -1.17 11.22
CA TYR A 434 29.17 -0.64 10.64
C TYR A 434 28.38 0.24 11.60
N LYS A 435 27.95 1.38 11.10
CA LYS A 435 27.17 2.33 11.88
C LYS A 435 26.24 3.10 10.96
N PRO A 436 24.96 3.23 11.32
CA PRO A 436 24.05 3.97 10.46
C PRO A 436 24.55 5.42 10.42
N VAL A 437 24.24 6.14 9.36
CA VAL A 437 24.69 7.53 9.23
C VAL A 437 23.69 8.56 9.72
N LYS A 438 24.20 9.71 10.14
CA LYS A 438 23.38 10.82 10.58
C LYS A 438 22.96 11.61 9.36
N ILE A 439 21.66 11.88 9.25
CA ILE A 439 21.12 12.64 8.14
C ILE A 439 20.35 13.77 8.80
N LYS A 440 20.53 15.00 8.33
CA LYS A 440 19.84 16.13 8.96
C LYS A 440 19.33 17.20 8.01
N ASP A 441 19.47 16.98 6.70
CA ASP A 441 19.02 17.96 5.72
C ASP A 441 17.71 17.58 5.04
N ILE A 442 17.02 16.58 5.57
CA ILE A 442 15.76 16.16 4.98
C ILE A 442 14.58 16.96 5.52
N GLN A 443 13.92 17.69 4.64
CA GLN A 443 12.77 18.50 5.02
C GLN A 443 11.59 17.58 5.33
N PRO A 444 10.83 17.90 6.38
CA PRO A 444 9.67 17.06 6.71
C PRO A 444 8.57 17.32 5.70
N ILE A 445 7.62 16.40 5.58
CA ILE A 445 6.52 16.60 4.66
C ILE A 445 5.40 17.34 5.37
N GLU A 446 4.96 18.44 4.78
CA GLU A 446 3.91 19.26 5.35
C GLU A 446 2.67 18.41 5.58
N GLY A 447 2.10 18.54 6.77
CA GLY A 447 0.90 17.80 7.11
C GLY A 447 1.16 16.47 7.78
N ILE A 448 2.41 16.02 7.77
CA ILE A 448 2.76 14.74 8.40
C ILE A 448 3.72 14.97 9.54
N ALA A 449 3.25 14.70 10.75
CA ALA A 449 4.00 14.90 11.99
C ALA A 449 5.12 13.91 12.29
N LEU A 450 6.07 13.79 11.37
CA LEU A 450 7.21 12.90 11.56
C LEU A 450 8.52 13.64 11.34
N ASP A 451 9.48 13.38 12.23
CA ASP A 451 10.79 14.01 12.13
C ASP A 451 11.64 13.07 11.29
N LEU A 452 11.67 13.29 9.99
CA LEU A 452 12.41 12.45 9.06
C LEU A 452 13.91 12.37 9.34
N ASN A 453 14.54 13.49 9.68
CA ASN A 453 15.96 13.46 9.97
C ASN A 453 16.27 12.60 11.18
N ALA A 454 15.46 12.75 12.22
CA ALA A 454 15.66 11.99 13.45
C ALA A 454 15.40 10.50 13.25
N LEU A 455 14.35 10.17 12.50
CA LEU A 455 14.02 8.77 12.27
C LEU A 455 15.09 8.05 11.46
N ILE A 456 15.57 8.71 10.41
CA ILE A 456 16.60 8.14 9.56
C ILE A 456 17.89 7.94 10.35
N SER A 457 18.27 8.95 11.12
CA SER A 457 19.50 8.91 11.90
C SER A 457 19.58 7.83 12.97
N LYS A 458 18.44 7.43 13.54
CA LYS A 458 18.44 6.39 14.55
C LYS A 458 18.74 5.02 13.97
N GLY A 459 18.57 4.86 12.67
CA GLY A 459 18.81 3.56 12.06
C GLY A 459 17.51 2.78 12.07
N ILE A 460 17.61 1.45 11.97
CA ILE A 460 16.43 0.59 11.96
C ILE A 460 15.97 0.27 13.38
N THR A 461 14.72 0.56 13.69
CA THR A 461 14.19 0.30 15.02
C THR A 461 13.06 -0.74 15.01
N GLY A 462 12.79 -1.30 16.19
CA GLY A 462 11.75 -2.29 16.32
C GLY A 462 11.94 -3.55 15.47
N LYS A 463 10.82 -4.16 15.10
CA LYS A 463 10.86 -5.39 14.31
C LYS A 463 9.52 -5.62 13.64
N PRO A 464 9.39 -6.70 12.85
CA PRO A 464 8.12 -6.97 12.16
C PRO A 464 6.89 -6.97 13.09
N LEU A 465 5.80 -6.37 12.60
CA LEU A 465 4.55 -6.29 13.35
C LEU A 465 3.80 -7.62 13.27
N SER A 466 3.03 -7.92 14.31
CA SER A 466 2.27 -9.17 14.34
C SER A 466 0.77 -8.86 14.33
N TRP A 467 -0.02 -9.90 14.16
CA TRP A 467 -1.47 -9.79 14.15
C TRP A 467 -2.03 -9.05 15.35
N ASP A 468 -1.60 -9.43 16.56
CA ASP A 468 -2.11 -8.78 17.76
C ASP A 468 -1.84 -7.29 17.82
N GLU A 469 -0.81 -6.82 17.12
CA GLU A 469 -0.50 -5.40 17.15
C GLU A 469 -1.34 -4.55 16.20
N VAL A 470 -2.15 -5.19 15.35
CA VAL A 470 -2.97 -4.43 14.42
C VAL A 470 -4.47 -4.79 14.41
N ARG A 471 -4.80 -5.99 14.85
CA ARG A 471 -6.19 -6.45 14.84
C ARG A 471 -7.21 -5.56 15.53
N PRO A 472 -8.49 -5.65 15.09
CA PRO A 472 -9.56 -4.86 15.70
C PRO A 472 -9.61 -5.29 17.17
N TYR A 473 -9.73 -4.34 18.08
CA TYR A 473 -9.74 -4.66 19.51
C TYR A 473 -10.67 -5.78 19.92
N TRP A 474 -11.79 -5.92 19.23
CA TRP A 474 -12.79 -6.94 19.55
C TRP A 474 -12.59 -8.28 18.84
N LEU A 475 -11.67 -8.31 17.88
CA LEU A 475 -11.43 -9.51 17.09
C LEU A 475 -10.23 -10.29 17.60
N LYS A 476 -10.41 -11.58 17.88
CA LYS A 476 -9.30 -12.37 18.37
C LYS A 476 -8.62 -13.15 17.26
N GLU A 477 -9.40 -13.83 16.44
CA GLU A 477 -8.85 -14.63 15.36
C GLU A 477 -8.84 -14.00 13.97
N MET A 478 -7.81 -14.34 13.22
CA MET A 478 -7.61 -13.84 11.86
C MET A 478 -8.67 -14.39 10.90
N PRO A 479 -9.46 -13.51 10.26
CA PRO A 479 -10.49 -13.93 9.30
C PRO A 479 -9.83 -14.47 8.03
N GLY A 480 -10.56 -15.27 7.25
CA GLY A 480 -10.01 -15.79 6.01
C GLY A 480 -9.07 -16.96 6.20
N THR A 481 -8.52 -17.44 5.09
CA THR A 481 -7.60 -18.58 5.15
C THR A 481 -6.31 -18.39 4.36
N TYR A 482 -6.29 -17.40 3.48
CA TYR A 482 -5.13 -17.18 2.63
C TYR A 482 -3.83 -16.87 3.35
N ALA A 483 -3.88 -16.01 4.35
CA ALA A 483 -2.69 -15.63 5.10
C ALA A 483 -1.90 -16.78 5.72
N LEU A 484 -2.61 -17.70 6.36
CA LEU A 484 -1.97 -18.82 7.03
C LEU A 484 -1.81 -20.10 6.22
N THR A 485 -2.53 -20.21 5.10
CA THR A 485 -2.48 -21.43 4.29
C THR A 485 -2.16 -21.22 2.80
N ALA A 486 -2.24 -19.98 2.32
CA ALA A 486 -1.98 -19.68 0.91
C ALA A 486 -2.98 -20.39 0.02
N ARG A 487 -4.13 -20.75 0.61
CA ARG A 487 -5.22 -21.43 -0.07
C ARG A 487 -6.56 -20.82 0.29
N LEU A 488 -7.51 -20.95 -0.63
CA LEU A 488 -8.86 -20.44 -0.41
C LEU A 488 -9.73 -21.67 -0.21
N SER A 489 -10.85 -21.52 0.50
CA SER A 489 -11.75 -22.66 0.72
C SER A 489 -12.34 -23.04 -0.63
N ALA A 490 -12.97 -24.21 -0.70
CA ALA A 490 -13.55 -24.64 -1.97
C ALA A 490 -14.57 -23.63 -2.48
N ASP A 491 -15.45 -23.16 -1.60
CA ASP A 491 -16.47 -22.20 -2.03
C ASP A 491 -15.87 -20.88 -2.52
N ARG A 492 -14.89 -20.36 -1.80
CA ARG A 492 -14.26 -19.10 -2.18
C ARG A 492 -13.35 -19.24 -3.39
N ALA A 493 -12.74 -20.41 -3.55
CA ALA A 493 -11.86 -20.64 -4.70
C ALA A 493 -12.71 -20.68 -5.96
N ALA A 494 -13.93 -21.21 -5.84
CA ALA A 494 -14.85 -21.30 -6.98
C ALA A 494 -15.29 -19.91 -7.45
N LYS A 495 -15.66 -19.07 -6.51
CA LYS A 495 -16.11 -17.73 -6.82
C LYS A 495 -14.96 -16.94 -7.45
N PHE A 496 -13.76 -17.12 -6.90
CA PHE A 496 -12.57 -16.42 -7.39
C PHE A 496 -12.30 -16.79 -8.85
N LYS A 497 -12.42 -18.07 -9.21
CA LYS A 497 -12.20 -18.48 -10.59
C LYS A 497 -13.25 -17.84 -11.49
N ALA A 498 -14.49 -17.81 -11.03
CA ALA A 498 -15.57 -17.22 -11.82
C ALA A 498 -15.31 -15.74 -12.10
N VAL A 499 -14.84 -15.02 -11.08
CA VAL A 499 -14.53 -13.60 -11.23
C VAL A 499 -13.45 -13.40 -12.28
N ILE A 500 -12.38 -14.18 -12.17
CA ILE A 500 -11.26 -14.10 -13.08
C ILE A 500 -11.69 -14.47 -14.51
N LYS A 501 -12.48 -15.53 -14.62
CA LYS A 501 -12.94 -15.99 -15.92
C LYS A 501 -13.79 -15.01 -16.72
N ARG A 502 -14.74 -14.34 -16.07
CA ARG A 502 -15.60 -13.40 -16.78
C ARG A 502 -14.88 -12.10 -17.14
N ASN A 503 -13.67 -11.93 -16.62
CA ASN A 503 -12.91 -10.71 -16.89
C ASN A 503 -11.84 -10.95 -17.97
N LYS A 504 -11.83 -12.16 -18.50
CA LYS A 504 -10.88 -12.59 -19.52
C LYS A 504 -11.59 -12.76 -20.87
N GLU A 505 -10.82 -12.92 -21.94
CA GLU A 505 -11.41 -13.10 -23.27
C GLU A 505 -12.39 -14.28 -23.27
N HIS A 506 -13.50 -14.11 -23.98
CA HIS A 506 -14.51 -15.16 -24.06
C HIS A 506 -13.96 -16.36 -24.83
C1 MAN B . 2.58 2.58 13.85
C2 MAN B . 3.90 3.32 14.04
C3 MAN B . 5.00 2.30 14.38
C4 MAN B . 4.58 1.45 15.60
C5 MAN B . 3.15 0.89 15.45
C6 MAN B . 2.66 0.32 16.76
O2 MAN B . 3.80 4.27 15.12
O3 MAN B . 6.20 3.00 14.67
O4 MAN B . 5.44 0.30 15.73
O5 MAN B . 2.21 1.93 15.07
O6 MAN B . 1.50 -0.47 16.57
C1 GCU B . 2.71 5.23 15.06
C2 GCU B . 3.10 6.56 15.78
C3 GCU B . 3.29 6.23 17.26
C4 GCU B . 1.98 5.64 17.81
C5 GCU B . 1.61 4.35 17.04
C6 GCU B . 0.29 3.73 17.56
O2 GCU B . 4.33 7.06 15.25
O3 GCU B . 3.56 7.42 18.01
O4 GCU B . 2.15 5.28 19.18
O5 GCU B . 1.47 4.70 15.63
O6A GCU B . 0.42 2.71 18.43
O6B GCU B . -0.80 4.12 17.24
C1 XYP B . 1.33 6.03 20.06
C2 XYP B . 1.14 5.21 21.37
C3 XYP B . 0.41 6.08 22.41
C4 XYP B . 0.95 7.51 22.48
C5 XYP B . 1.23 8.06 21.11
O2 XYP B . 0.37 4.03 21.13
O3 XYP B . 0.55 5.40 23.64
O4 XYP B . 0.13 8.37 23.22
O5 XYP B . 1.91 7.28 20.21
C1 MXY B . 0.51 8.82 24.51
C2 MXY B . -0.14 10.12 24.96
C3 MXY B . -1.63 9.82 25.23
C4 MXY B . -1.71 8.79 26.37
C5 MXY B . -0.95 7.50 25.95
O2 MXY B . -0.07 11.08 23.92
O3 MXY B . -2.35 11.01 25.56
O4 MXY B . -1.12 9.31 27.55
O5 MXY B . 0.43 7.88 25.59
CM MXY B . 0.96 12.04 24.19
C1 G4D B . -3.42 11.22 24.61
C2 G4D B . -4.07 12.59 24.82
C3 G4D B . -4.98 12.58 26.05
C4 G4D B . -5.96 11.41 26.00
C5 G4D B . -5.18 10.10 25.81
C6 G4D B . -6.09 8.89 25.68
O2 G4D B . -3.07 13.58 24.97
O3 G4D B . -5.71 13.79 26.12
O5 G4D B . -4.38 10.17 24.62
O6 G4D B . -5.57 7.78 26.42
C2 BGC B . -1.19 8.90 29.93
C3 BGC B . -2.12 8.74 31.17
C4 BGC B . -3.14 9.90 31.22
C5 BGC B . -3.87 10.09 29.90
C6 BGC B . -4.69 11.36 29.94
C1 BGC B . -2.02 9.14 28.66
O2 BGC B . -0.39 7.74 29.73
O3 BGC B . -1.36 8.78 32.36
O4 BGC B . -4.08 9.70 32.26
O5 BGC B . -2.91 10.25 28.82
O6 BGC B . -4.00 12.40 29.26
C1 RAM B . 6.78 0.45 16.18
C2 RAM B . 7.34 -0.86 16.81
C3 RAM B . 7.44 -1.87 15.64
C4 RAM B . 8.37 -1.29 14.55
C5 RAM B . 7.85 0.10 14.03
C6 RAM B . 8.78 0.76 12.97
O2 RAM B . 8.62 -0.65 17.38
O3 RAM B . 7.97 -3.10 16.10
O4 RAM B . 8.47 -2.24 13.47
O5 RAM B . 7.70 0.97 15.18
#